data_2JE4
#
_entry.id   2JE4
#
_cell.length_a   50.501
_cell.length_b   58.853
_cell.length_c   60.886
_cell.angle_alpha   90.00
_cell.angle_beta   90.00
_cell.angle_gamma   90.00
#
_symmetry.space_group_name_H-M   'P 21 21 21'
#
loop_
_entity.id
_entity.type
_entity.pdbx_description
1 polymer PROTEASE
2 polymer 'INHIBITOR MOLECULE JG365'
3 non-polymer 'ACETATE ION'
4 non-polymer GLYCEROL
5 non-polymer 'SULFATE ION'
6 water water
#
loop_
_entity_poly.entity_id
_entity_poly.type
_entity_poly.pdbx_seq_one_letter_code
_entity_poly.pdbx_strand_id
1 'polypeptide(L)'
;PQITLWKRPLVTIRIGGQLKEALLDTGADDTVIEE(NLE)NLPGKWKPK(NLE)IGGIGGFIKVRQYDQIPVEI(DBU)G
HKAIGTVLVGPTPVNIIGRNLLTQIGCTLNF
;
A,B
2 'polypeptide(L)' (ACE)SLN(JG3)I(VME) C
#
loop_
_chem_comp.id
_chem_comp.type
_chem_comp.name
_chem_comp.formula
ACE non-polymer 'ACETYL GROUP' 'C2 H4 O'
ACT non-polymer 'ACETATE ION' 'C2 H3 O2 -1'
GOL non-polymer GLYCEROL 'C3 H8 O3'
JG3 peptide-like 1-[(2S,3S)-3-amino-2-hydroxy-4-phenylbutyl]-L-proline 'C15 H22 N2 O3'
SO4 non-polymer 'SULFATE ION' 'O4 S -2'
VME peptide-like 'METHYL L-VALINATE' 'C6 H13 N O2'
#
# COMPACT_ATOMS: atom_id res chain seq x y z
N PRO A 1 16.03 6.49 -7.06
CA PRO A 1 15.24 7.35 -7.95
C PRO A 1 14.17 8.09 -7.15
N GLN A 2 13.51 9.01 -7.81
CA GLN A 2 12.31 9.71 -7.36
C GLN A 2 11.11 9.26 -8.15
N ILE A 3 10.09 8.71 -7.50
CA ILE A 3 8.93 8.14 -8.21
C ILE A 3 7.68 8.89 -7.84
N THR A 4 6.99 9.44 -8.83
CA THR A 4 5.69 10.07 -8.64
C THR A 4 4.60 9.02 -8.68
N LEU A 5 3.39 9.46 -8.37
CA LEU A 5 2.36 8.50 -8.06
C LEU A 5 1.15 8.60 -8.96
N TRP A 6 1.29 9.23 -10.12
CA TRP A 6 0.21 9.28 -11.10
C TRP A 6 -0.17 7.91 -11.62
N LYS A 7 0.80 7.00 -11.67
CA LYS A 7 0.60 5.62 -12.05
C LYS A 7 1.03 4.75 -10.87
N ARG A 8 0.63 3.47 -10.87
CA ARG A 8 1.16 2.55 -9.86
C ARG A 8 2.70 2.51 -9.90
N PRO A 9 3.36 2.57 -8.75
CA PRO A 9 4.83 2.59 -8.72
C PRO A 9 5.39 1.17 -8.86
N LEU A 10 5.32 0.66 -10.07
CA LEU A 10 5.81 -0.65 -10.46
C LEU A 10 7.26 -0.54 -10.89
N VAL A 11 8.07 -1.44 -10.42
CA VAL A 11 9.46 -1.52 -10.79
C VAL A 11 9.85 -2.98 -11.08
N THR A 12 10.98 -3.18 -11.72
CA THR A 12 11.51 -4.51 -11.91
C THR A 12 12.38 -4.85 -10.68
N ILE A 13 12.20 -6.08 -10.27
CA ILE A 13 12.99 -6.70 -9.23
C ILE A 13 13.65 -7.97 -9.81
N ARG A 14 14.71 -8.38 -9.14
N ARG A 14 14.74 -8.41 -9.20
CA ARG A 14 15.37 -9.67 -9.31
CA ARG A 14 15.29 -9.72 -9.49
C ARG A 14 15.19 -10.50 -8.00
C ARG A 14 15.24 -10.51 -8.15
N ILE A 15 14.68 -11.73 -8.20
CA ILE A 15 14.50 -12.63 -7.04
C ILE A 15 14.70 -14.05 -7.51
N GLY A 16 15.54 -14.81 -6.77
CA GLY A 16 15.79 -16.19 -7.18
C GLY A 16 16.33 -16.37 -8.56
N GLY A 17 17.05 -15.34 -9.08
CA GLY A 17 17.56 -15.32 -10.40
C GLY A 17 16.63 -14.86 -11.48
N GLN A 18 15.35 -14.63 -11.13
CA GLN A 18 14.33 -14.27 -12.12
C GLN A 18 13.98 -12.77 -12.00
N LEU A 19 13.58 -12.18 -13.10
CA LEU A 19 13.03 -10.82 -13.16
C LEU A 19 11.54 -10.89 -12.94
N LYS A 20 11.03 -9.99 -12.09
CA LYS A 20 9.60 -9.83 -11.90
C LYS A 20 9.26 -8.35 -11.79
N GLU A 21 8.00 -7.97 -11.97
CA GLU A 21 7.50 -6.64 -11.69
C GLU A 21 6.83 -6.57 -10.33
N ALA A 22 7.03 -5.50 -9.58
CA ALA A 22 6.46 -5.39 -8.27
C ALA A 22 6.17 -3.94 -7.93
N LEU A 23 5.19 -3.78 -7.04
CA LEU A 23 4.69 -2.47 -6.65
C LEU A 23 5.38 -2.04 -5.39
N LEU A 24 5.95 -0.84 -5.37
CA LEU A 24 6.56 -0.30 -4.13
C LEU A 24 5.44 0.21 -3.25
N ASP A 25 5.24 -0.43 -2.09
CA ASP A 25 4.01 -0.31 -1.35
C ASP A 25 4.21 0.08 0.10
N THR A 26 4.09 1.37 0.44
CA THR A 26 4.24 1.89 1.74
C THR A 26 3.17 1.42 2.70
N GLY A 27 2.03 0.97 2.17
CA GLY A 27 0.95 0.43 2.95
C GLY A 27 1.03 -1.03 3.26
N ALA A 28 2.14 -1.67 2.94
CA ALA A 28 2.35 -3.07 3.21
C ALA A 28 3.43 -3.27 4.26
N ASP A 29 3.09 -4.03 5.28
CA ASP A 29 4.12 -4.39 6.28
C ASP A 29 5.18 -5.30 5.67
N ASP A 30 4.75 -6.17 4.79
CA ASP A 30 5.47 -7.30 4.25
C ASP A 30 5.50 -7.28 2.75
N THR A 31 6.37 -8.09 2.18
CA THR A 31 6.63 -8.26 0.78
C THR A 31 5.96 -9.53 0.32
N VAL A 32 5.09 -9.45 -0.67
CA VAL A 32 4.23 -10.55 -1.06
C VAL A 32 4.32 -10.70 -2.56
N ILE A 33 4.75 -11.87 -3.01
CA ILE A 33 4.93 -12.18 -4.44
C ILE A 33 4.02 -13.36 -4.79
N GLU A 34 3.54 -13.33 -6.03
CA GLU A 34 2.74 -14.39 -6.52
C GLU A 34 3.45 -15.73 -6.44
N GLU A 35 2.63 -16.78 -6.50
CA GLU A 35 3.09 -18.15 -6.35
C GLU A 35 4.26 -18.49 -7.26
N NLE A 36 5.26 -19.07 -6.55
CA NLE A 36 6.51 -19.47 -7.17
C NLE A 36 7.30 -20.26 -6.12
O NLE A 36 6.91 -20.29 -4.96
CB NLE A 36 7.24 -18.22 -7.61
CG NLE A 36 7.74 -17.37 -6.43
CD NLE A 36 8.23 -16.00 -6.85
CE NLE A 36 9.67 -15.73 -7.12
N ASN A 37 8.36 -20.90 -6.58
CA ASN A 37 9.30 -21.50 -5.65
C ASN A 37 10.44 -20.57 -5.38
N LEU A 38 10.88 -20.62 -4.13
CA LEU A 38 12.11 -19.90 -3.87
C LEU A 38 12.95 -20.94 -3.17
N PRO A 39 14.26 -20.74 -3.18
CA PRO A 39 15.16 -21.62 -2.48
C PRO A 39 14.98 -21.62 -0.98
N GLY A 40 15.12 -22.80 -0.40
CA GLY A 40 15.19 -22.96 1.04
C GLY A 40 13.87 -23.30 1.68
N LYS A 41 13.92 -23.18 2.99
CA LYS A 41 12.84 -23.46 3.89
C LYS A 41 11.77 -22.37 3.86
N TRP A 42 10.53 -22.83 4.03
CA TRP A 42 9.44 -21.91 4.31
C TRP A 42 8.50 -22.51 5.35
N LYS A 43 7.70 -21.62 5.96
CA LYS A 43 6.66 -22.05 6.86
C LYS A 43 5.38 -21.31 6.55
N PRO A 44 4.26 -21.91 6.84
CA PRO A 44 2.99 -21.23 6.61
C PRO A 44 2.82 -19.96 7.47
N LYS A 45 2.15 -18.99 6.93
CA LYS A 45 1.79 -17.75 7.58
C LYS A 45 0.46 -17.30 7.01
N NLE A 46 -0.23 -16.47 7.76
CA NLE A 46 -1.42 -15.80 7.23
C NLE A 46 -1.20 -14.27 7.32
O NLE A 46 -0.66 -13.80 8.33
CB NLE A 46 -2.69 -16.14 8.00
CG NLE A 46 -3.12 -17.59 7.69
CD NLE A 46 -4.40 -17.99 8.43
CE NLE A 46 -5.56 -17.13 8.07
N ILE A 47 -1.63 -13.56 6.29
CA ILE A 47 -1.57 -12.11 6.27
C ILE A 47 -2.90 -11.54 5.78
N GLY A 48 -3.12 -10.27 6.12
CA GLY A 48 -4.36 -9.61 5.82
C GLY A 48 -4.21 -8.41 4.98
N GLY A 49 -5.32 -8.08 4.36
CA GLY A 49 -5.43 -6.84 3.64
C GLY A 49 -6.86 -6.44 3.47
N ILE A 50 -7.24 -5.60 2.52
N ILE A 50 -7.10 -5.63 2.47
CA ILE A 50 -8.68 -5.33 2.24
CA ILE A 50 -8.34 -4.95 2.42
C ILE A 50 -9.24 -6.65 1.77
C ILE A 50 -9.50 -5.93 2.32
N GLY A 51 -10.44 -7.12 2.06
N GLY A 51 -9.31 -7.06 1.65
CA GLY A 51 -10.87 -8.40 1.51
CA GLY A 51 -10.37 -8.01 1.44
C GLY A 51 -10.58 -9.52 2.49
C GLY A 51 -10.53 -9.07 2.50
N GLY A 52 -9.60 -9.30 3.39
CA GLY A 52 -9.51 -10.35 4.39
C GLY A 52 -8.11 -10.94 4.44
N PHE A 53 -8.04 -12.18 4.93
CA PHE A 53 -6.78 -12.87 5.13
C PHE A 53 -6.52 -13.93 4.08
N ILE A 54 -5.25 -14.16 3.78
CA ILE A 54 -4.83 -15.24 2.89
C ILE A 54 -3.70 -15.99 3.56
N LYS A 55 -3.52 -17.25 3.12
CA LYS A 55 -2.42 -18.09 3.44
C LYS A 55 -1.27 -17.87 2.49
N VAL A 56 -0.09 -17.77 3.00
CA VAL A 56 1.15 -17.58 2.24
C VAL A 56 2.22 -18.50 2.77
N ARG A 57 3.27 -18.63 1.92
CA ARG A 57 4.50 -19.30 2.36
C ARG A 57 5.48 -18.21 2.80
N GLN A 58 6.07 -18.34 3.96
CA GLN A 58 7.04 -17.38 4.44
C GLN A 58 8.46 -17.90 4.25
N TYR A 59 9.23 -17.22 3.41
CA TYR A 59 10.61 -17.52 3.18
C TYR A 59 11.47 -16.44 3.82
N ASP A 60 12.41 -16.79 4.63
CA ASP A 60 13.24 -15.78 5.26
C ASP A 60 14.57 -15.61 4.56
N GLN A 61 15.16 -14.43 4.72
CA GLN A 61 16.54 -14.14 4.30
C GLN A 61 16.72 -14.40 2.81
N ILE A 62 15.80 -13.86 2.02
CA ILE A 62 15.82 -13.94 0.58
C ILE A 62 16.41 -12.68 -0.02
N PRO A 63 17.46 -12.81 -0.80
CA PRO A 63 17.93 -11.63 -1.54
C PRO A 63 16.95 -11.16 -2.62
N VAL A 64 16.73 -9.86 -2.65
CA VAL A 64 15.86 -9.22 -3.63
C VAL A 64 16.56 -7.97 -4.12
N GLU A 65 16.68 -7.80 -5.44
CA GLU A 65 17.26 -6.55 -5.96
C GLU A 65 16.11 -5.74 -6.49
N ILE A 66 15.96 -4.54 -5.96
CA ILE A 66 14.77 -3.70 -6.24
C ILE A 66 15.26 -2.46 -6.96
N DBU A 67 14.97 -2.35 -8.26
CA DBU A 67 15.42 -1.28 -9.09
CB DBU A 67 14.73 0.19 -8.75
CG DBU A 67 13.58 -0.13 -8.94
C DBU A 67 16.96 -0.96 -8.84
O DBU A 67 17.40 0.13 -8.69
N GLY A 68 17.70 -2.05 -8.76
CA GLY A 68 19.15 -1.90 -8.60
C GLY A 68 19.62 -1.87 -7.19
N HIS A 69 18.79 -1.84 -6.18
CA HIS A 69 19.14 -1.74 -4.78
C HIS A 69 18.91 -3.06 -4.09
N LYS A 70 19.89 -3.51 -3.30
CA LYS A 70 19.86 -4.81 -2.67
CA LYS A 70 19.88 -4.80 -2.67
C LYS A 70 19.10 -4.80 -1.35
N ALA A 71 18.37 -5.83 -1.13
CA ALA A 71 17.74 -6.14 0.15
C ALA A 71 17.87 -7.64 0.41
N ILE A 72 17.83 -8.04 1.67
CA ILE A 72 17.80 -9.46 2.00
C ILE A 72 16.80 -9.58 3.15
N GLY A 73 15.70 -10.28 2.93
CA GLY A 73 14.74 -10.38 4.02
C GLY A 73 13.58 -11.28 3.66
N THR A 74 12.53 -11.16 4.46
CA THR A 74 11.42 -12.07 4.32
C THR A 74 10.60 -11.77 3.10
N VAL A 75 10.29 -12.83 2.35
CA VAL A 75 9.43 -12.77 1.19
C VAL A 75 8.27 -13.76 1.43
N LEU A 76 7.05 -13.26 1.31
CA LEU A 76 5.89 -14.09 1.43
C LEU A 76 5.39 -14.43 0.03
N VAL A 77 4.99 -15.66 -0.18
CA VAL A 77 4.57 -16.10 -1.49
C VAL A 77 3.16 -16.62 -1.42
N GLY A 78 2.26 -16.09 -2.20
CA GLY A 78 0.89 -16.53 -2.17
C GLY A 78 0.05 -15.76 -3.17
N PRO A 79 -1.26 -15.96 -3.08
CA PRO A 79 -2.18 -15.43 -4.08
C PRO A 79 -2.50 -13.95 -3.92
N THR A 80 -1.51 -13.14 -4.00
CA THR A 80 -1.70 -11.69 -4.05
C THR A 80 -2.13 -11.18 -5.43
N PRO A 81 -2.98 -10.13 -5.54
CA PRO A 81 -3.40 -9.62 -6.87
C PRO A 81 -2.24 -8.98 -7.60
N VAL A 82 -1.25 -8.42 -6.95
CA VAL A 82 -0.06 -7.81 -7.51
C VAL A 82 1.13 -8.07 -6.59
N ASN A 83 2.29 -8.25 -7.24
CA ASN A 83 3.50 -8.38 -6.45
C ASN A 83 3.81 -7.10 -5.72
N ILE A 84 4.06 -7.17 -4.40
N ILE A 84 4.15 -7.22 -4.44
CA ILE A 84 4.28 -5.91 -3.67
CA ILE A 84 4.28 -6.11 -3.50
C ILE A 84 5.58 -6.06 -2.88
C ILE A 84 5.59 -6.08 -2.74
N ILE A 85 6.32 -4.94 -2.86
CA ILE A 85 7.49 -4.73 -2.02
C ILE A 85 7.02 -3.87 -0.84
N GLY A 86 7.01 -4.47 0.34
CA GLY A 86 6.54 -3.82 1.55
C GLY A 86 7.66 -3.23 2.35
N ARG A 87 7.28 -2.67 3.53
CA ARG A 87 8.20 -1.88 4.30
C ARG A 87 9.39 -2.67 4.81
N ASN A 88 9.23 -3.98 4.99
CA ASN A 88 10.37 -4.77 5.46
C ASN A 88 11.56 -4.63 4.51
N LEU A 89 11.33 -4.52 3.21
CA LEU A 89 12.44 -4.37 2.25
C LEU A 89 12.60 -2.91 1.83
N LEU A 90 11.51 -2.12 1.83
CA LEU A 90 11.67 -0.67 1.50
C LEU A 90 12.60 0.02 2.48
N THR A 91 12.52 -0.36 3.75
CA THR A 91 13.45 0.24 4.73
C THR A 91 14.91 -0.10 4.40
N GLN A 92 15.16 -1.30 3.92
CA GLN A 92 16.52 -1.73 3.63
C GLN A 92 17.11 -0.93 2.51
N ILE A 93 16.32 -0.53 1.55
CA ILE A 93 16.85 0.20 0.40
C ILE A 93 16.78 1.69 0.67
N GLY A 94 16.33 2.13 1.84
CA GLY A 94 16.35 3.53 2.19
C GLY A 94 15.22 4.34 1.65
N CYS A 95 14.11 3.73 1.34
CA CYS A 95 12.98 4.45 0.76
C CYS A 95 12.26 5.32 1.78
N THR A 96 11.89 6.53 1.35
CA THR A 96 11.06 7.41 2.14
C THR A 96 9.96 7.97 1.28
N LEU A 97 8.95 8.45 1.95
N LEU A 97 8.90 8.44 1.88
CA LEU A 97 7.91 9.29 1.39
CA LEU A 97 7.83 9.16 1.17
C LEU A 97 8.21 10.74 1.62
C LEU A 97 7.98 10.62 1.54
N ASN A 98 7.98 11.54 0.57
CA ASN A 98 8.32 12.93 0.69
C ASN A 98 7.23 13.79 0.05
N PHE A 99 6.95 14.88 0.73
N PHE A 99 6.83 14.86 0.73
CA PHE A 99 6.04 15.87 0.15
CA PHE A 99 5.88 15.87 0.27
C PHE A 99 6.35 17.19 0.78
C PHE A 99 5.96 17.14 1.11
N PRO B 1 7.41 17.31 4.24
CA PRO B 1 8.15 16.49 5.18
C PRO B 1 8.61 15.18 4.56
N GLN B 2 9.44 14.51 5.31
CA GLN B 2 9.96 13.19 4.94
C GLN B 2 9.42 12.18 5.90
N ILE B 3 8.83 11.10 5.39
CA ILE B 3 8.32 10.02 6.20
C ILE B 3 9.10 8.74 5.92
N THR B 4 9.80 8.24 6.96
CA THR B 4 10.48 6.96 6.89
C THR B 4 9.48 5.84 7.10
N LEU B 5 9.96 4.63 6.88
CA LEU B 5 9.06 3.49 6.77
C LEU B 5 9.39 2.43 7.80
N TRP B 6 10.08 2.81 8.88
CA TRP B 6 10.34 1.91 9.95
C TRP B 6 9.06 1.37 10.61
N LYS B 7 8.02 2.22 10.68
CA LYS B 7 6.70 1.86 11.14
C LYS B 7 5.71 2.22 10.06
N ARG B 8 4.45 1.77 10.24
CA ARG B 8 3.45 2.17 9.26
C ARG B 8 3.38 3.70 9.16
N PRO B 9 3.30 4.28 7.96
CA PRO B 9 3.32 5.72 7.78
C PRO B 9 1.93 6.34 8.03
N LEU B 10 1.56 6.34 9.30
CA LEU B 10 0.30 6.90 9.79
C LEU B 10 0.43 8.36 10.04
N VAL B 11 -0.50 9.15 9.52
CA VAL B 11 -0.48 10.60 9.70
C VAL B 11 -1.90 11.03 10.04
N THR B 12 -1.96 12.28 10.49
CA THR B 12 -3.24 12.88 10.75
C THR B 12 -3.87 13.45 9.49
N ILE B 13 -5.12 13.11 9.26
CA ILE B 13 -5.88 13.73 8.17
C ILE B 13 -7.13 14.38 8.75
N ARG B 14 -7.74 15.26 7.98
CA ARG B 14 -8.99 15.91 8.32
C ARG B 14 -9.99 15.61 7.22
N ILE B 15 -11.14 15.08 7.54
CA ILE B 15 -12.21 14.72 6.59
C ILE B 15 -13.56 14.91 7.27
N GLY B 16 -14.45 15.67 6.63
CA GLY B 16 -15.77 15.89 7.19
C GLY B 16 -15.62 16.69 8.49
N GLY B 17 -14.55 17.44 8.68
CA GLY B 17 -14.22 18.36 9.72
C GLY B 17 -13.43 17.68 10.81
N GLN B 18 -13.32 16.36 10.74
CA GLN B 18 -12.80 15.56 11.84
C GLN B 18 -11.36 15.10 11.62
N LEU B 19 -10.52 15.11 12.66
CA LEU B 19 -9.15 14.66 12.51
C LEU B 19 -9.19 13.16 12.73
N LYS B 20 -8.48 12.39 11.88
CA LYS B 20 -8.36 10.94 11.91
C LYS B 20 -6.93 10.54 11.58
N GLU B 21 -6.61 9.25 11.85
CA GLU B 21 -5.35 8.64 11.48
C GLU B 21 -5.43 7.84 10.22
N ALA B 22 -4.53 8.03 9.28
CA ALA B 22 -4.58 7.27 8.05
C ALA B 22 -3.17 6.92 7.57
N LEU B 23 -3.08 5.85 6.81
CA LEU B 23 -1.82 5.37 6.24
C LEU B 23 -1.56 5.97 4.89
N LEU B 24 -0.39 6.55 4.66
CA LEU B 24 -0.05 7.03 3.32
C LEU B 24 0.43 5.83 2.50
N ASP B 25 -0.36 5.48 1.49
CA ASP B 25 -0.26 4.17 0.84
C ASP B 25 0.01 4.25 -0.62
N THR B 26 1.25 4.10 -1.04
CA THR B 26 1.58 4.13 -2.45
C THR B 26 1.06 2.90 -3.19
N GLY B 27 0.68 1.83 -2.48
CA GLY B 27 0.12 0.66 -3.07
C GLY B 27 -1.39 0.71 -3.25
N ALA B 28 -2.02 1.83 -2.97
CA ALA B 28 -3.47 2.00 -3.05
C ALA B 28 -3.83 2.91 -4.20
N ASP B 29 -4.69 2.43 -5.08
CA ASP B 29 -5.17 3.27 -6.15
C ASP B 29 -6.08 4.34 -5.60
N ASP B 30 -6.84 4.00 -4.58
CA ASP B 30 -7.96 4.75 -4.02
C ASP B 30 -7.73 4.99 -2.55
N THR B 31 -8.52 5.92 -2.01
CA THR B 31 -8.52 6.30 -0.62
C THR B 31 -9.73 5.64 0.05
N VAL B 32 -9.47 4.90 1.12
CA VAL B 32 -10.47 4.09 1.80
C VAL B 32 -10.50 4.47 3.25
N ILE B 33 -11.64 4.94 3.68
CA ILE B 33 -11.76 5.48 5.05
C ILE B 33 -12.92 4.82 5.69
N GLU B 34 -12.71 4.47 6.94
CA GLU B 34 -13.97 3.99 7.61
C GLU B 34 -14.64 5.17 8.24
N GLU B 35 -15.54 5.85 7.50
CA GLU B 35 -16.39 6.89 8.11
C GLU B 35 -17.81 6.68 7.58
N NLE B 36 -18.49 5.84 8.32
CA NLE B 36 -19.85 5.46 7.84
C NLE B 36 -20.88 6.56 8.05
O NLE B 36 -22.03 6.23 7.65
CB NLE B 36 -20.45 4.23 8.52
CG NLE B 36 -19.70 2.93 8.52
CD NLE B 36 -19.47 2.34 7.16
CE NLE B 36 -18.47 1.20 7.08
N ASN B 37 -20.59 7.75 8.64
CA ASN B 37 -21.77 8.62 8.78
C ASN B 37 -21.54 9.96 8.08
N LEU B 38 -20.85 10.03 6.91
CA LEU B 38 -20.86 11.30 6.17
C LEU B 38 -22.22 11.61 5.57
N PRO B 39 -22.59 12.88 5.44
CA PRO B 39 -23.72 13.24 4.60
C PRO B 39 -23.15 13.19 3.16
N GLY B 40 -24.11 13.32 2.27
CA GLY B 40 -23.76 13.38 0.87
C GLY B 40 -24.19 12.13 0.17
N LYS B 41 -24.24 12.34 -1.14
CA LYS B 41 -24.62 11.29 -2.03
C LYS B 41 -23.42 10.37 -2.25
N TRP B 42 -23.72 9.09 -2.46
CA TRP B 42 -22.66 8.15 -2.75
C TRP B 42 -23.18 7.10 -3.70
N LYS B 43 -22.30 6.34 -4.31
CA LYS B 43 -22.68 5.20 -5.11
C LYS B 43 -21.90 3.96 -4.73
N PRO B 44 -22.50 2.81 -4.89
CA PRO B 44 -21.78 1.57 -4.52
C PRO B 44 -20.65 1.29 -5.50
N LYS B 45 -19.61 0.68 -4.96
CA LYS B 45 -18.42 0.28 -5.68
CA LYS B 45 -18.45 0.25 -5.73
C LYS B 45 -17.89 -0.97 -4.99
N NLE B 46 -17.08 -1.75 -5.73
CA NLE B 46 -16.32 -2.82 -5.11
C NLE B 46 -14.84 -2.52 -5.31
O NLE B 46 -14.45 -2.11 -6.42
CB NLE B 46 -16.67 -4.17 -5.73
CG NLE B 46 -18.07 -4.59 -5.26
CD NLE B 46 -18.52 -5.98 -5.22
CE NLE B 46 -20.01 -5.94 -4.80
N ILE B 47 -14.04 -2.74 -4.31
CA ILE B 47 -12.59 -2.61 -4.45
C ILE B 47 -11.92 -3.83 -3.86
N GLY B 48 -10.71 -4.08 -4.37
CA GLY B 48 -10.03 -5.30 -4.06
C GLY B 48 -8.66 -5.10 -3.49
N GLY B 49 -8.20 -6.17 -2.92
CA GLY B 49 -6.82 -6.17 -2.42
C GLY B 49 -6.49 -7.54 -1.99
N ILE B 50 -5.57 -7.61 -1.02
N ILE B 50 -5.50 -7.74 -1.12
CA ILE B 50 -4.94 -8.86 -0.73
CA ILE B 50 -5.23 -9.09 -0.63
C ILE B 50 -5.93 -9.96 -0.41
C ILE B 50 -6.46 -9.52 0.14
N GLY B 51 -7.06 -9.76 0.25
N GLY B 51 -6.88 -10.75 -0.10
CA GLY B 51 -7.97 -10.86 0.50
CA GLY B 51 -8.11 -11.27 0.46
C GLY B 51 -9.10 -11.13 -0.44
C GLY B 51 -9.34 -11.03 -0.35
N GLY B 52 -9.26 -10.33 -1.49
CA GLY B 52 -10.42 -10.23 -2.32
C GLY B 52 -11.05 -8.87 -2.27
N PHE B 53 -12.36 -8.82 -2.56
CA PHE B 53 -13.08 -7.57 -2.69
C PHE B 53 -14.01 -7.31 -1.51
N ILE B 54 -14.24 -6.00 -1.31
CA ILE B 54 -15.25 -5.54 -0.35
C ILE B 54 -16.12 -4.49 -1.05
N LYS B 55 -17.31 -4.34 -0.52
CA LYS B 55 -18.24 -3.28 -0.93
C LYS B 55 -17.91 -1.99 -0.22
N VAL B 56 -17.90 -0.89 -0.96
CA VAL B 56 -17.67 0.42 -0.37
C VAL B 56 -18.67 1.40 -0.98
N ARG B 57 -18.77 2.55 -0.30
CA ARG B 57 -19.53 3.68 -0.78
C ARG B 57 -18.59 4.74 -1.36
N GLN B 58 -18.84 5.13 -2.57
CA GLN B 58 -18.00 6.11 -3.24
C GLN B 58 -18.59 7.53 -3.08
N TYR B 59 -17.85 8.38 -2.45
CA TYR B 59 -18.16 9.80 -2.26
C TYR B 59 -17.21 10.62 -3.11
N ASP B 60 -17.72 11.59 -3.86
CA ASP B 60 -16.88 12.40 -4.75
C ASP B 60 -16.70 13.79 -4.19
N GLN B 61 -15.60 14.43 -4.54
CA GLN B 61 -15.28 15.81 -4.22
C GLN B 61 -15.32 16.08 -2.72
N ILE B 62 -14.71 15.19 -1.97
CA ILE B 62 -14.61 15.35 -0.52
C ILE B 62 -13.30 16.00 -0.16
N PRO B 63 -13.29 17.12 0.56
CA PRO B 63 -11.99 17.65 1.03
C PRO B 63 -11.32 16.74 2.03
N VAL B 64 -10.02 16.53 1.88
CA VAL B 64 -9.21 15.68 2.79
C VAL B 64 -7.87 16.44 2.96
N GLU B 65 -7.63 16.90 4.20
CA GLU B 65 -6.34 17.56 4.45
C GLU B 65 -5.40 16.54 5.06
N ILE B 66 -4.18 16.45 4.55
CA ILE B 66 -3.19 15.41 4.90
C ILE B 66 -1.96 16.15 5.40
N DBU B 67 -1.73 16.06 6.72
CA DBU B 67 -0.58 16.77 7.31
CB DBU B 67 0.70 16.02 6.92
CG DBU B 67 0.70 14.59 7.40
C DBU B 67 -0.53 18.23 6.93
O DBU B 67 0.54 18.76 6.63
N GLY B 68 -1.68 18.90 6.86
CA GLY B 68 -1.73 20.32 6.53
C GLY B 68 -1.81 20.59 5.04
N HIS B 69 -1.73 19.59 4.20
CA HIS B 69 -1.77 19.77 2.74
C HIS B 69 -3.17 19.41 2.30
N LYS B 70 -3.84 20.33 1.62
N LYS B 70 -3.84 20.35 1.63
CA LYS B 70 -5.19 20.11 1.19
CA LYS B 70 -5.22 20.14 1.26
C LYS B 70 -5.31 19.29 -0.08
C LYS B 70 -5.30 19.29 0.01
N ALA B 71 -6.31 18.42 -0.03
CA ALA B 71 -6.62 17.63 -1.21
C ALA B 71 -8.14 17.61 -1.30
N ILE B 72 -8.64 17.17 -2.44
CA ILE B 72 -10.10 17.05 -2.62
C ILE B 72 -10.31 15.99 -3.66
N GLY B 73 -11.14 14.99 -3.38
CA GLY B 73 -11.37 13.96 -4.33
C GLY B 73 -12.26 12.87 -3.84
N THR B 74 -12.09 11.73 -4.48
CA THR B 74 -12.98 10.61 -4.18
C THR B 74 -12.51 9.87 -2.95
N VAL B 75 -13.44 9.58 -2.06
CA VAL B 75 -13.20 8.84 -0.85
C VAL B 75 -14.18 7.65 -0.86
N LEU B 76 -13.60 6.48 -0.62
CA LEU B 76 -14.39 5.25 -0.54
C LEU B 76 -14.52 4.93 0.95
N VAL B 77 -15.76 4.58 1.36
CA VAL B 77 -16.07 4.28 2.74
C VAL B 77 -16.47 2.82 2.87
N GLY B 78 -15.81 2.12 3.75
CA GLY B 78 -16.15 0.72 3.98
C GLY B 78 -15.32 0.24 5.14
N PRO B 79 -15.53 -0.99 5.51
CA PRO B 79 -14.90 -1.50 6.73
C PRO B 79 -13.40 -1.57 6.47
N THR B 80 -12.54 -1.03 7.35
CA THR B 80 -11.11 -1.25 7.21
C THR B 80 -10.44 -0.97 8.54
N PRO B 81 -9.44 -1.76 8.90
CA PRO B 81 -8.73 -1.59 10.14
C PRO B 81 -7.92 -0.33 10.11
N VAL B 82 -7.60 0.05 8.85
CA VAL B 82 -6.66 1.09 8.66
C VAL B 82 -7.27 1.99 7.58
N ASN B 83 -7.45 3.25 7.93
CA ASN B 83 -7.76 4.25 6.91
C ASN B 83 -6.57 4.37 5.99
N ILE B 84 -6.86 4.52 4.71
N ILE B 84 -6.78 4.37 4.68
CA ILE B 84 -5.84 4.52 3.67
CA ILE B 84 -5.63 4.45 3.79
C ILE B 84 -5.93 5.72 2.73
C ILE B 84 -5.87 5.67 2.88
N ILE B 85 -4.82 6.45 2.66
CA ILE B 85 -4.75 7.54 1.69
C ILE B 85 -4.03 6.98 0.48
N GLY B 86 -4.73 6.88 -0.63
CA GLY B 86 -4.17 6.32 -1.84
C GLY B 86 -3.71 7.37 -2.83
N ARG B 87 -3.28 6.86 -4.00
CA ARG B 87 -2.57 7.72 -4.94
C ARG B 87 -3.45 8.83 -5.49
N ASN B 88 -4.76 8.65 -5.49
CA ASN B 88 -5.64 9.73 -5.99
C ASN B 88 -5.48 11.01 -5.19
N LEU B 89 -5.18 10.87 -3.89
CA LEU B 89 -4.92 12.09 -3.09
C LEU B 89 -3.43 12.31 -2.88
N LEU B 90 -2.59 11.28 -2.83
CA LEU B 90 -1.17 11.50 -2.64
C LEU B 90 -0.58 12.38 -3.76
N THR B 91 -1.08 12.17 -4.98
CA THR B 91 -0.60 13.01 -6.11
C THR B 91 -0.93 14.47 -5.90
N GLN B 92 -2.06 14.76 -5.27
CA GLN B 92 -2.48 16.16 -5.06
C GLN B 92 -1.62 16.87 -4.05
N ILE B 93 -0.94 16.14 -3.17
CA ILE B 93 -0.09 16.78 -2.19
C ILE B 93 1.35 16.68 -2.63
N GLY B 94 1.63 16.22 -3.87
CA GLY B 94 3.00 16.22 -4.39
C GLY B 94 3.88 15.17 -3.74
N CYS B 95 3.28 14.03 -3.31
CA CYS B 95 4.09 13.01 -2.65
C CYS B 95 4.86 12.16 -3.66
N THR B 96 6.11 11.85 -3.28
CA THR B 96 6.93 10.97 -4.09
C THR B 96 7.60 9.95 -3.17
N LEU B 97 7.97 8.85 -3.81
N LEU B 97 7.96 8.83 -3.77
CA LEU B 97 8.90 7.89 -3.25
CA LEU B 97 8.77 7.82 -3.05
C LEU B 97 10.33 8.20 -3.63
C LEU B 97 10.21 7.99 -3.53
N ASN B 98 11.20 8.03 -2.64
CA ASN B 98 12.60 8.36 -2.93
C ASN B 98 13.49 7.34 -2.30
N PHE B 99 14.50 6.93 -3.05
CA PHE B 99 15.57 6.04 -2.54
C PHE B 99 16.71 6.24 -3.53
N SER C 2 -0.06 -9.05 10.26
CA SER C 2 0.65 -8.30 9.03
C SER C 2 -0.50 -7.82 8.15
N LEU C 3 -0.46 -6.50 7.90
CA LEU C 3 -1.49 -5.83 7.09
C LEU C 3 -0.85 -5.23 5.85
N ASN C 4 -1.47 -5.48 4.71
CA ASN C 4 -0.88 -5.27 3.41
C ASN C 4 -1.88 -4.70 2.43
C1 JG3 C 5 -1.83 -2.16 0.25
N JG3 C 5 -1.80 -3.38 2.26
O1 JG3 C 5 -1.22 -1.04 0.29
C JG3 C 5 -4.38 -2.91 -2.40
N2 JG3 C 5 -2.26 -3.99 -1.51
O JG3 C 5 -5.16 -3.56 -1.76
C3 JG3 C 5 -1.95 -5.40 -1.75
C4 JG3 C 5 -1.63 -3.22 -0.63
C5 JG3 C 5 -5.16 -2.79 5.80
C6 JG3 C 5 -5.15 -2.68 3.42
C7 JG3 C 5 -3.39 -1.63 4.68
CA JG3 C 5 -2.70 -2.61 1.39
C8 JG3 C 5 -2.96 -3.34 -2.59
C10 JG3 C 5 -3.33 -1.43 2.16
C11 JG3 C 5 -2.90 -4.43 -3.72
C12 JG3 C 5 -5.74 -3.15 4.59
C13 JG3 C 5 -4.00 -2.06 5.85
C14 JG3 C 5 -4.00 -1.94 3.48
C15 JG3 C 5 -2.74 -5.71 -2.99
N ILE C 6 -4.66 -1.76 -3.05
CA ILE C 6 -6.05 -1.32 -3.25
C ILE C 6 -6.21 -1.13 -4.77
N VME C 7 -6.91 -2.08 -5.40
CA VME C 7 -7.03 -2.10 -6.85
C VME C 7 -8.48 -2.36 -7.24
O VME C 7 -9.39 -2.52 -6.43
O VME C 7 -8.62 -2.38 -8.57
CB VME C 7 -6.10 -3.17 -7.43
CG1 VME C 7 -4.65 -2.78 -7.13
CG2 VME C 7 -6.45 -4.53 -6.87
CM VME C 7 -10.26 -2.38 -8.92
C ACT D . 0.41 -22.71 2.54
O ACT D . -0.22 -21.85 1.98
OXT ACT D . 1.12 -23.57 1.82
CH3 ACT D . 0.38 -22.86 4.03
C ACT E . 2.76 -7.67 -11.10
O ACT E . 2.67 -6.48 -11.23
OXT ACT E . 2.20 -8.24 -10.02
CH3 ACT E . 3.45 -8.58 -12.08
C1 GOL F . 6.17 21.45 0.66
O1 GOL F . 5.77 21.19 2.02
C2 GOL F . 7.63 21.25 0.44
O2 GOL F . 8.26 20.00 0.32
C3 GOL F . 8.57 22.40 0.26
O3 GOL F . 9.45 22.57 1.38
C1 GOL G . 12.84 0.33 -12.65
O1 GOL G . 12.81 -1.06 -13.02
C2 GOL G . 12.11 1.22 -13.72
O2 GOL G . 11.50 0.78 -14.91
C3 GOL G . 12.21 2.73 -13.43
O3 GOL G . 12.58 2.93 -12.04
C1 GOL H . 15.10 18.18 -4.12
O1 GOL H . 15.48 19.34 -4.82
C2 GOL H . 14.15 17.23 -4.72
O2 GOL H . 13.16 16.47 -4.03
C3 GOL H . 14.20 16.89 -6.20
O3 GOL H . 15.06 15.74 -6.30
S SO4 I . 19.39 5.32 -8.50
O1 SO4 I . 20.86 5.58 -8.03
O2 SO4 I . 18.53 6.52 -8.06
O3 SO4 I . 19.17 5.44 -9.97
O4 SO4 I . 19.00 4.04 -8.00
S SO4 J . 3.83 -29.62 -6.99
O1 SO4 J . 5.04 -28.72 -7.39
O2 SO4 J . 4.14 -30.34 -5.64
O3 SO4 J . 2.53 -29.07 -6.66
O4 SO4 J . 3.84 -30.69 -8.00
S SO4 K . 23.76 -14.89 -7.92
O1 SO4 K . 23.47 -13.44 -7.31
O2 SO4 K . 22.85 -15.92 -8.71
O3 SO4 K . 23.29 -15.71 -6.80
O4 SO4 K . 23.67 -14.22 -9.20
C ACT L . -22.68 -11.11 -1.77
O ACT L . -22.20 -10.78 -2.88
OXT ACT L . -23.41 -10.35 -0.98
CH3 ACT L . -22.55 -12.60 -1.52
C ACT M . -8.45 26.61 6.51
O ACT M . -8.89 27.69 6.86
OXT ACT M . -7.27 26.64 5.85
CH3 ACT M . -9.31 25.43 6.86
S SO4 N . -14.53 19.39 5.57
O1 SO4 N . -15.20 19.38 4.15
O2 SO4 N . -15.48 20.11 6.59
O3 SO4 N . -14.51 18.17 6.29
O4 SO4 N . -13.49 20.36 5.43
S SO4 O . 5.76 20.47 5.33
O1 SO4 O . 6.69 19.41 6.00
O2 SO4 O . 5.61 21.58 6.44
O3 SO4 O . 6.24 21.35 4.25
O4 SO4 O . 4.49 19.85 5.20
N PRO A 1 16.03 6.49 -7.06
CA PRO A 1 15.24 7.35 -7.95
C PRO A 1 14.17 8.09 -7.15
N GLN A 2 13.51 9.01 -7.81
CA GLN A 2 12.31 9.71 -7.36
C GLN A 2 11.11 9.26 -8.15
N ILE A 3 10.09 8.71 -7.50
CA ILE A 3 8.93 8.14 -8.21
C ILE A 3 7.68 8.89 -7.84
N THR A 4 6.99 9.44 -8.83
CA THR A 4 5.69 10.07 -8.64
C THR A 4 4.60 9.02 -8.68
N LEU A 5 3.39 9.46 -8.37
CA LEU A 5 2.36 8.50 -8.06
C LEU A 5 1.15 8.60 -8.96
N TRP A 6 1.29 9.23 -10.12
CA TRP A 6 0.21 9.28 -11.10
C TRP A 6 -0.17 7.91 -11.62
N LYS A 7 0.80 7.00 -11.67
CA LYS A 7 0.60 5.62 -12.05
C LYS A 7 1.03 4.75 -10.87
N ARG A 8 0.63 3.47 -10.87
CA ARG A 8 1.16 2.55 -9.86
C ARG A 8 2.70 2.51 -9.90
N PRO A 9 3.36 2.57 -8.75
CA PRO A 9 4.83 2.59 -8.72
C PRO A 9 5.39 1.17 -8.86
N LEU A 10 5.32 0.66 -10.07
CA LEU A 10 5.81 -0.65 -10.46
C LEU A 10 7.26 -0.54 -10.89
N VAL A 11 8.07 -1.44 -10.42
CA VAL A 11 9.46 -1.52 -10.79
C VAL A 11 9.85 -2.98 -11.08
N THR A 12 10.98 -3.18 -11.72
CA THR A 12 11.51 -4.51 -11.91
C THR A 12 12.38 -4.85 -10.68
N ILE A 13 12.20 -6.08 -10.27
CA ILE A 13 12.99 -6.70 -9.23
C ILE A 13 13.65 -7.97 -9.81
N ARG A 14 14.71 -8.38 -9.14
N ARG A 14 14.74 -8.41 -9.20
CA ARG A 14 15.37 -9.67 -9.31
CA ARG A 14 15.29 -9.72 -9.49
C ARG A 14 15.19 -10.50 -8.00
C ARG A 14 15.24 -10.51 -8.15
N ILE A 15 14.68 -11.73 -8.20
CA ILE A 15 14.50 -12.63 -7.04
C ILE A 15 14.70 -14.05 -7.51
N GLY A 16 15.54 -14.81 -6.77
CA GLY A 16 15.79 -16.19 -7.18
C GLY A 16 16.33 -16.37 -8.56
N GLY A 17 17.05 -15.34 -9.08
CA GLY A 17 17.56 -15.32 -10.40
C GLY A 17 16.63 -14.86 -11.48
N GLN A 18 15.35 -14.63 -11.13
CA GLN A 18 14.33 -14.27 -12.12
C GLN A 18 13.98 -12.77 -12.00
N LEU A 19 13.58 -12.18 -13.10
CA LEU A 19 13.03 -10.82 -13.16
C LEU A 19 11.54 -10.89 -12.94
N LYS A 20 11.03 -9.99 -12.09
CA LYS A 20 9.60 -9.83 -11.90
C LYS A 20 9.26 -8.35 -11.79
N GLU A 21 8.00 -7.97 -11.97
CA GLU A 21 7.50 -6.64 -11.69
C GLU A 21 6.83 -6.57 -10.33
N ALA A 22 7.03 -5.50 -9.58
CA ALA A 22 6.46 -5.39 -8.27
C ALA A 22 6.17 -3.94 -7.93
N LEU A 23 5.19 -3.78 -7.04
CA LEU A 23 4.69 -2.47 -6.65
C LEU A 23 5.38 -2.04 -5.39
N LEU A 24 5.95 -0.84 -5.37
CA LEU A 24 6.56 -0.30 -4.13
C LEU A 24 5.44 0.21 -3.25
N ASP A 25 5.24 -0.43 -2.09
CA ASP A 25 4.01 -0.31 -1.35
C ASP A 25 4.21 0.08 0.10
N THR A 26 4.09 1.37 0.44
CA THR A 26 4.24 1.89 1.74
C THR A 26 3.17 1.42 2.70
N GLY A 27 2.03 0.97 2.17
CA GLY A 27 0.95 0.43 2.95
C GLY A 27 1.03 -1.03 3.26
N ALA A 28 2.14 -1.67 2.94
CA ALA A 28 2.35 -3.07 3.21
C ALA A 28 3.43 -3.27 4.26
N ASP A 29 3.09 -4.03 5.28
CA ASP A 29 4.12 -4.39 6.28
C ASP A 29 5.18 -5.30 5.67
N ASP A 30 4.75 -6.17 4.79
CA ASP A 30 5.47 -7.30 4.25
C ASP A 30 5.50 -7.28 2.75
N THR A 31 6.37 -8.09 2.18
CA THR A 31 6.63 -8.26 0.78
C THR A 31 5.96 -9.53 0.32
N VAL A 32 5.09 -9.45 -0.67
CA VAL A 32 4.23 -10.55 -1.06
C VAL A 32 4.32 -10.70 -2.56
N ILE A 33 4.75 -11.87 -3.01
CA ILE A 33 4.93 -12.18 -4.44
C ILE A 33 4.02 -13.36 -4.79
N GLU A 34 3.54 -13.33 -6.03
CA GLU A 34 2.74 -14.39 -6.52
C GLU A 34 3.45 -15.73 -6.44
N GLU A 35 2.63 -16.78 -6.50
CA GLU A 35 3.09 -18.15 -6.35
C GLU A 35 4.26 -18.49 -7.26
N NLE A 36 5.26 -19.07 -6.55
CA NLE A 36 6.51 -19.47 -7.17
C NLE A 36 7.30 -20.26 -6.12
O NLE A 36 6.91 -20.29 -4.96
CB NLE A 36 7.24 -18.22 -7.61
CG NLE A 36 7.74 -17.37 -6.43
CD NLE A 36 8.23 -16.00 -6.85
CE NLE A 36 9.67 -15.73 -7.12
N ASN A 37 8.36 -20.90 -6.58
CA ASN A 37 9.30 -21.50 -5.65
C ASN A 37 10.44 -20.57 -5.38
N LEU A 38 10.88 -20.62 -4.13
CA LEU A 38 12.11 -19.90 -3.87
C LEU A 38 12.95 -20.94 -3.17
N PRO A 39 14.26 -20.74 -3.18
CA PRO A 39 15.16 -21.62 -2.48
C PRO A 39 14.98 -21.62 -0.98
N GLY A 40 15.12 -22.80 -0.40
CA GLY A 40 15.19 -22.96 1.04
C GLY A 40 13.87 -23.30 1.68
N LYS A 41 13.92 -23.18 2.99
CA LYS A 41 12.84 -23.46 3.89
C LYS A 41 11.77 -22.37 3.86
N TRP A 42 10.53 -22.83 4.03
CA TRP A 42 9.44 -21.91 4.31
C TRP A 42 8.50 -22.51 5.35
N LYS A 43 7.70 -21.62 5.96
CA LYS A 43 6.66 -22.05 6.86
C LYS A 43 5.38 -21.31 6.55
N PRO A 44 4.26 -21.91 6.84
CA PRO A 44 2.99 -21.23 6.61
C PRO A 44 2.82 -19.96 7.47
N LYS A 45 2.15 -18.99 6.93
CA LYS A 45 1.79 -17.75 7.58
C LYS A 45 0.46 -17.30 7.01
N NLE A 46 -0.23 -16.47 7.76
CA NLE A 46 -1.42 -15.80 7.23
C NLE A 46 -1.20 -14.27 7.32
O NLE A 46 -0.66 -13.80 8.33
CB NLE A 46 -2.69 -16.14 8.00
CG NLE A 46 -3.12 -17.59 7.69
CD NLE A 46 -4.40 -17.99 8.43
CE NLE A 46 -5.56 -17.13 8.07
N ILE A 47 -1.63 -13.56 6.29
CA ILE A 47 -1.57 -12.11 6.27
C ILE A 47 -2.90 -11.54 5.78
N GLY A 48 -3.12 -10.27 6.12
CA GLY A 48 -4.36 -9.61 5.82
C GLY A 48 -4.21 -8.41 4.98
N GLY A 49 -5.32 -8.08 4.36
CA GLY A 49 -5.43 -6.84 3.64
C GLY A 49 -6.86 -6.44 3.47
N ILE A 50 -7.24 -5.60 2.52
N ILE A 50 -7.10 -5.63 2.47
CA ILE A 50 -8.68 -5.33 2.24
CA ILE A 50 -8.34 -4.95 2.42
C ILE A 50 -9.24 -6.65 1.77
C ILE A 50 -9.50 -5.93 2.32
N GLY A 51 -10.44 -7.12 2.06
N GLY A 51 -9.31 -7.06 1.65
CA GLY A 51 -10.87 -8.40 1.51
CA GLY A 51 -10.37 -8.01 1.44
C GLY A 51 -10.58 -9.52 2.49
C GLY A 51 -10.53 -9.07 2.50
N GLY A 52 -9.60 -9.30 3.39
CA GLY A 52 -9.51 -10.35 4.39
C GLY A 52 -8.11 -10.94 4.44
N PHE A 53 -8.04 -12.18 4.93
CA PHE A 53 -6.78 -12.87 5.13
C PHE A 53 -6.52 -13.93 4.08
N ILE A 54 -5.25 -14.16 3.78
CA ILE A 54 -4.83 -15.24 2.89
C ILE A 54 -3.70 -15.99 3.56
N LYS A 55 -3.52 -17.25 3.12
CA LYS A 55 -2.42 -18.09 3.44
C LYS A 55 -1.27 -17.87 2.49
N VAL A 56 -0.09 -17.77 3.00
CA VAL A 56 1.15 -17.58 2.24
C VAL A 56 2.22 -18.50 2.77
N ARG A 57 3.27 -18.63 1.92
CA ARG A 57 4.50 -19.30 2.36
C ARG A 57 5.48 -18.21 2.80
N GLN A 58 6.07 -18.34 3.96
CA GLN A 58 7.04 -17.38 4.44
C GLN A 58 8.46 -17.90 4.25
N TYR A 59 9.23 -17.22 3.41
CA TYR A 59 10.61 -17.52 3.18
C TYR A 59 11.47 -16.44 3.82
N ASP A 60 12.41 -16.79 4.63
CA ASP A 60 13.24 -15.78 5.26
C ASP A 60 14.57 -15.61 4.56
N GLN A 61 15.16 -14.43 4.72
CA GLN A 61 16.54 -14.14 4.30
C GLN A 61 16.72 -14.40 2.81
N ILE A 62 15.80 -13.86 2.02
CA ILE A 62 15.82 -13.94 0.58
C ILE A 62 16.41 -12.68 -0.02
N PRO A 63 17.46 -12.81 -0.80
CA PRO A 63 17.93 -11.63 -1.54
C PRO A 63 16.95 -11.16 -2.62
N VAL A 64 16.73 -9.86 -2.65
CA VAL A 64 15.86 -9.22 -3.63
C VAL A 64 16.56 -7.97 -4.12
N GLU A 65 16.68 -7.80 -5.44
CA GLU A 65 17.26 -6.55 -5.96
C GLU A 65 16.11 -5.74 -6.49
N ILE A 66 15.96 -4.54 -5.96
CA ILE A 66 14.77 -3.70 -6.24
C ILE A 66 15.26 -2.46 -6.96
N DBU A 67 14.97 -2.35 -8.26
CA DBU A 67 15.42 -1.28 -9.09
CB DBU A 67 14.73 0.19 -8.75
CG DBU A 67 13.58 -0.13 -8.94
C DBU A 67 16.96 -0.96 -8.84
O DBU A 67 17.40 0.13 -8.69
N GLY A 68 17.70 -2.05 -8.76
CA GLY A 68 19.15 -1.90 -8.60
C GLY A 68 19.62 -1.87 -7.19
N HIS A 69 18.79 -1.84 -6.18
CA HIS A 69 19.14 -1.74 -4.78
C HIS A 69 18.91 -3.06 -4.09
N LYS A 70 19.89 -3.51 -3.30
CA LYS A 70 19.86 -4.81 -2.67
CA LYS A 70 19.88 -4.80 -2.67
C LYS A 70 19.10 -4.80 -1.35
N ALA A 71 18.37 -5.83 -1.13
CA ALA A 71 17.74 -6.14 0.15
C ALA A 71 17.87 -7.64 0.41
N ILE A 72 17.83 -8.04 1.67
CA ILE A 72 17.80 -9.46 2.00
C ILE A 72 16.80 -9.58 3.15
N GLY A 73 15.70 -10.28 2.93
CA GLY A 73 14.74 -10.38 4.02
C GLY A 73 13.58 -11.28 3.66
N THR A 74 12.53 -11.16 4.46
CA THR A 74 11.42 -12.07 4.32
C THR A 74 10.60 -11.77 3.10
N VAL A 75 10.29 -12.83 2.35
CA VAL A 75 9.43 -12.77 1.19
C VAL A 75 8.27 -13.76 1.43
N LEU A 76 7.05 -13.26 1.31
CA LEU A 76 5.89 -14.09 1.43
C LEU A 76 5.39 -14.43 0.03
N VAL A 77 4.99 -15.66 -0.18
CA VAL A 77 4.57 -16.10 -1.49
C VAL A 77 3.16 -16.62 -1.42
N GLY A 78 2.26 -16.09 -2.20
CA GLY A 78 0.89 -16.53 -2.17
C GLY A 78 0.05 -15.76 -3.17
N PRO A 79 -1.26 -15.96 -3.08
CA PRO A 79 -2.18 -15.43 -4.08
C PRO A 79 -2.50 -13.95 -3.92
N THR A 80 -1.51 -13.14 -4.00
CA THR A 80 -1.70 -11.69 -4.05
C THR A 80 -2.13 -11.18 -5.43
N PRO A 81 -2.98 -10.13 -5.54
CA PRO A 81 -3.40 -9.62 -6.87
C PRO A 81 -2.24 -8.98 -7.60
N VAL A 82 -1.25 -8.42 -6.95
CA VAL A 82 -0.06 -7.81 -7.51
C VAL A 82 1.13 -8.07 -6.59
N ASN A 83 2.29 -8.25 -7.24
CA ASN A 83 3.50 -8.38 -6.45
C ASN A 83 3.81 -7.10 -5.72
N ILE A 84 4.06 -7.17 -4.40
N ILE A 84 4.15 -7.22 -4.44
CA ILE A 84 4.28 -5.91 -3.67
CA ILE A 84 4.28 -6.11 -3.50
C ILE A 84 5.58 -6.06 -2.88
C ILE A 84 5.59 -6.08 -2.74
N ILE A 85 6.32 -4.94 -2.86
CA ILE A 85 7.49 -4.73 -2.02
C ILE A 85 7.02 -3.87 -0.84
N GLY A 86 7.01 -4.47 0.34
CA GLY A 86 6.54 -3.82 1.55
C GLY A 86 7.66 -3.23 2.35
N ARG A 87 7.28 -2.67 3.53
CA ARG A 87 8.20 -1.88 4.30
C ARG A 87 9.39 -2.67 4.81
N ASN A 88 9.23 -3.98 4.99
CA ASN A 88 10.37 -4.77 5.46
C ASN A 88 11.56 -4.63 4.51
N LEU A 89 11.33 -4.52 3.21
CA LEU A 89 12.44 -4.37 2.25
C LEU A 89 12.60 -2.91 1.83
N LEU A 90 11.51 -2.12 1.83
CA LEU A 90 11.67 -0.67 1.50
C LEU A 90 12.60 0.02 2.48
N THR A 91 12.52 -0.36 3.75
CA THR A 91 13.45 0.24 4.73
C THR A 91 14.91 -0.10 4.40
N GLN A 92 15.16 -1.30 3.92
CA GLN A 92 16.52 -1.73 3.63
C GLN A 92 17.11 -0.93 2.51
N ILE A 93 16.32 -0.53 1.55
CA ILE A 93 16.85 0.20 0.40
C ILE A 93 16.78 1.69 0.67
N GLY A 94 16.33 2.13 1.84
CA GLY A 94 16.35 3.53 2.19
C GLY A 94 15.22 4.34 1.65
N CYS A 95 14.11 3.73 1.34
CA CYS A 95 12.98 4.45 0.76
C CYS A 95 12.26 5.32 1.78
N THR A 96 11.89 6.53 1.35
CA THR A 96 11.06 7.41 2.14
C THR A 96 9.96 7.97 1.28
N LEU A 97 8.95 8.45 1.95
N LEU A 97 8.90 8.44 1.88
CA LEU A 97 7.91 9.29 1.39
CA LEU A 97 7.83 9.16 1.17
C LEU A 97 8.21 10.74 1.62
C LEU A 97 7.98 10.62 1.54
N ASN A 98 7.98 11.54 0.57
CA ASN A 98 8.32 12.93 0.69
C ASN A 98 7.23 13.79 0.05
N PHE A 99 6.95 14.88 0.73
N PHE A 99 6.83 14.86 0.73
CA PHE A 99 6.04 15.87 0.15
CA PHE A 99 5.88 15.87 0.27
C PHE A 99 6.35 17.19 0.78
C PHE A 99 5.96 17.14 1.11
N PRO B 1 7.41 17.31 4.24
CA PRO B 1 8.15 16.49 5.18
C PRO B 1 8.61 15.18 4.56
N GLN B 2 9.44 14.51 5.31
CA GLN B 2 9.96 13.19 4.94
C GLN B 2 9.42 12.18 5.90
N ILE B 3 8.83 11.10 5.39
CA ILE B 3 8.32 10.02 6.20
C ILE B 3 9.10 8.74 5.92
N THR B 4 9.80 8.24 6.96
CA THR B 4 10.48 6.96 6.89
C THR B 4 9.48 5.84 7.10
N LEU B 5 9.96 4.63 6.88
CA LEU B 5 9.06 3.49 6.77
C LEU B 5 9.39 2.43 7.80
N TRP B 6 10.08 2.81 8.88
CA TRP B 6 10.34 1.91 9.95
C TRP B 6 9.06 1.37 10.61
N LYS B 7 8.02 2.22 10.68
CA LYS B 7 6.70 1.86 11.14
C LYS B 7 5.71 2.22 10.06
N ARG B 8 4.45 1.77 10.24
CA ARG B 8 3.45 2.17 9.26
C ARG B 8 3.38 3.70 9.16
N PRO B 9 3.30 4.28 7.96
CA PRO B 9 3.32 5.72 7.78
C PRO B 9 1.93 6.34 8.03
N LEU B 10 1.56 6.34 9.30
CA LEU B 10 0.30 6.90 9.79
C LEU B 10 0.43 8.36 10.04
N VAL B 11 -0.50 9.15 9.52
CA VAL B 11 -0.48 10.60 9.70
C VAL B 11 -1.90 11.03 10.04
N THR B 12 -1.96 12.28 10.49
CA THR B 12 -3.24 12.88 10.75
C THR B 12 -3.87 13.45 9.49
N ILE B 13 -5.12 13.11 9.26
CA ILE B 13 -5.88 13.73 8.17
C ILE B 13 -7.13 14.38 8.75
N ARG B 14 -7.74 15.26 7.98
CA ARG B 14 -8.99 15.91 8.32
C ARG B 14 -9.99 15.61 7.22
N ILE B 15 -11.14 15.08 7.54
CA ILE B 15 -12.21 14.72 6.59
C ILE B 15 -13.56 14.91 7.27
N GLY B 16 -14.45 15.67 6.63
CA GLY B 16 -15.77 15.89 7.19
C GLY B 16 -15.62 16.69 8.49
N GLY B 17 -14.55 17.44 8.68
CA GLY B 17 -14.22 18.36 9.72
C GLY B 17 -13.43 17.68 10.81
N GLN B 18 -13.32 16.36 10.74
CA GLN B 18 -12.80 15.56 11.84
C GLN B 18 -11.36 15.10 11.62
N LEU B 19 -10.52 15.11 12.66
CA LEU B 19 -9.15 14.66 12.51
C LEU B 19 -9.19 13.16 12.73
N LYS B 20 -8.48 12.39 11.88
CA LYS B 20 -8.36 10.94 11.91
C LYS B 20 -6.93 10.54 11.58
N GLU B 21 -6.61 9.25 11.85
CA GLU B 21 -5.35 8.64 11.48
C GLU B 21 -5.43 7.84 10.22
N ALA B 22 -4.53 8.03 9.28
CA ALA B 22 -4.58 7.27 8.05
C ALA B 22 -3.17 6.92 7.57
N LEU B 23 -3.08 5.85 6.81
CA LEU B 23 -1.82 5.37 6.24
C LEU B 23 -1.56 5.97 4.89
N LEU B 24 -0.39 6.55 4.66
CA LEU B 24 -0.05 7.03 3.32
C LEU B 24 0.43 5.83 2.50
N ASP B 25 -0.36 5.48 1.49
CA ASP B 25 -0.26 4.17 0.84
C ASP B 25 0.01 4.25 -0.62
N THR B 26 1.25 4.10 -1.04
CA THR B 26 1.58 4.13 -2.45
C THR B 26 1.06 2.90 -3.19
N GLY B 27 0.68 1.83 -2.48
CA GLY B 27 0.12 0.66 -3.07
C GLY B 27 -1.39 0.71 -3.25
N ALA B 28 -2.02 1.83 -2.97
CA ALA B 28 -3.47 2.00 -3.05
C ALA B 28 -3.83 2.91 -4.20
N ASP B 29 -4.69 2.43 -5.08
CA ASP B 29 -5.17 3.27 -6.15
C ASP B 29 -6.08 4.34 -5.60
N ASP B 30 -6.84 4.00 -4.58
CA ASP B 30 -7.96 4.75 -4.02
C ASP B 30 -7.73 4.99 -2.55
N THR B 31 -8.52 5.92 -2.01
CA THR B 31 -8.52 6.30 -0.62
C THR B 31 -9.73 5.64 0.05
N VAL B 32 -9.47 4.90 1.12
CA VAL B 32 -10.47 4.09 1.80
C VAL B 32 -10.50 4.47 3.25
N ILE B 33 -11.64 4.94 3.68
CA ILE B 33 -11.76 5.48 5.05
C ILE B 33 -12.92 4.82 5.69
N GLU B 34 -12.71 4.47 6.94
CA GLU B 34 -13.97 3.99 7.61
C GLU B 34 -14.64 5.17 8.24
N GLU B 35 -15.54 5.85 7.50
CA GLU B 35 -16.39 6.89 8.11
C GLU B 35 -17.81 6.68 7.58
N NLE B 36 -18.49 5.84 8.32
CA NLE B 36 -19.85 5.46 7.84
C NLE B 36 -20.88 6.56 8.05
O NLE B 36 -22.03 6.23 7.65
CB NLE B 36 -20.45 4.23 8.52
CG NLE B 36 -19.70 2.93 8.52
CD NLE B 36 -19.47 2.34 7.16
CE NLE B 36 -18.47 1.20 7.08
N ASN B 37 -20.59 7.75 8.64
CA ASN B 37 -21.77 8.62 8.78
C ASN B 37 -21.54 9.96 8.08
N LEU B 38 -20.85 10.03 6.91
CA LEU B 38 -20.86 11.30 6.17
C LEU B 38 -22.22 11.61 5.57
N PRO B 39 -22.59 12.88 5.44
CA PRO B 39 -23.72 13.24 4.60
C PRO B 39 -23.15 13.19 3.16
N GLY B 40 -24.11 13.32 2.27
CA GLY B 40 -23.76 13.38 0.87
C GLY B 40 -24.19 12.13 0.17
N LYS B 41 -24.24 12.34 -1.14
CA LYS B 41 -24.62 11.29 -2.03
C LYS B 41 -23.42 10.37 -2.25
N TRP B 42 -23.72 9.09 -2.46
CA TRP B 42 -22.66 8.15 -2.75
C TRP B 42 -23.18 7.10 -3.70
N LYS B 43 -22.30 6.34 -4.31
CA LYS B 43 -22.68 5.20 -5.11
C LYS B 43 -21.90 3.96 -4.73
N PRO B 44 -22.50 2.81 -4.89
CA PRO B 44 -21.78 1.57 -4.52
C PRO B 44 -20.65 1.29 -5.50
N LYS B 45 -19.61 0.68 -4.96
CA LYS B 45 -18.42 0.28 -5.68
CA LYS B 45 -18.45 0.25 -5.73
C LYS B 45 -17.89 -0.97 -4.99
N NLE B 46 -17.08 -1.75 -5.73
CA NLE B 46 -16.32 -2.82 -5.11
C NLE B 46 -14.84 -2.52 -5.31
O NLE B 46 -14.45 -2.11 -6.42
CB NLE B 46 -16.67 -4.17 -5.73
CG NLE B 46 -18.07 -4.59 -5.26
CD NLE B 46 -18.52 -5.98 -5.22
CE NLE B 46 -20.01 -5.94 -4.80
N ILE B 47 -14.04 -2.74 -4.31
CA ILE B 47 -12.59 -2.61 -4.45
C ILE B 47 -11.92 -3.83 -3.86
N GLY B 48 -10.71 -4.08 -4.37
CA GLY B 48 -10.03 -5.30 -4.06
C GLY B 48 -8.66 -5.10 -3.49
N GLY B 49 -8.20 -6.17 -2.92
CA GLY B 49 -6.82 -6.17 -2.42
C GLY B 49 -6.49 -7.54 -1.99
N ILE B 50 -5.57 -7.61 -1.02
N ILE B 50 -5.50 -7.74 -1.12
CA ILE B 50 -4.94 -8.86 -0.73
CA ILE B 50 -5.23 -9.09 -0.63
C ILE B 50 -5.93 -9.96 -0.41
C ILE B 50 -6.46 -9.52 0.14
N GLY B 51 -7.06 -9.76 0.25
N GLY B 51 -6.88 -10.75 -0.10
CA GLY B 51 -7.97 -10.86 0.50
CA GLY B 51 -8.11 -11.27 0.46
C GLY B 51 -9.10 -11.13 -0.44
C GLY B 51 -9.34 -11.03 -0.35
N GLY B 52 -9.26 -10.33 -1.49
CA GLY B 52 -10.42 -10.23 -2.32
C GLY B 52 -11.05 -8.87 -2.27
N PHE B 53 -12.36 -8.82 -2.56
CA PHE B 53 -13.08 -7.57 -2.69
C PHE B 53 -14.01 -7.31 -1.51
N ILE B 54 -14.24 -6.00 -1.31
CA ILE B 54 -15.25 -5.54 -0.35
C ILE B 54 -16.12 -4.49 -1.05
N LYS B 55 -17.31 -4.34 -0.52
CA LYS B 55 -18.24 -3.28 -0.93
C LYS B 55 -17.91 -1.99 -0.22
N VAL B 56 -17.90 -0.89 -0.96
CA VAL B 56 -17.67 0.42 -0.37
C VAL B 56 -18.67 1.40 -0.98
N ARG B 57 -18.77 2.55 -0.30
CA ARG B 57 -19.53 3.68 -0.78
C ARG B 57 -18.59 4.74 -1.36
N GLN B 58 -18.84 5.13 -2.57
CA GLN B 58 -18.00 6.11 -3.24
C GLN B 58 -18.59 7.53 -3.08
N TYR B 59 -17.85 8.38 -2.45
CA TYR B 59 -18.16 9.80 -2.26
C TYR B 59 -17.21 10.62 -3.11
N ASP B 60 -17.72 11.59 -3.86
CA ASP B 60 -16.88 12.40 -4.75
C ASP B 60 -16.70 13.79 -4.19
N GLN B 61 -15.60 14.43 -4.54
CA GLN B 61 -15.28 15.81 -4.22
C GLN B 61 -15.32 16.08 -2.72
N ILE B 62 -14.71 15.19 -1.97
CA ILE B 62 -14.61 15.35 -0.52
C ILE B 62 -13.30 16.00 -0.16
N PRO B 63 -13.29 17.12 0.56
CA PRO B 63 -11.99 17.65 1.03
C PRO B 63 -11.32 16.74 2.03
N VAL B 64 -10.02 16.53 1.88
CA VAL B 64 -9.21 15.68 2.79
C VAL B 64 -7.87 16.44 2.96
N GLU B 65 -7.63 16.90 4.20
CA GLU B 65 -6.34 17.56 4.45
C GLU B 65 -5.40 16.54 5.06
N ILE B 66 -4.18 16.45 4.55
CA ILE B 66 -3.19 15.41 4.90
C ILE B 66 -1.96 16.15 5.40
N DBU B 67 -1.73 16.06 6.72
CA DBU B 67 -0.58 16.77 7.31
CB DBU B 67 0.70 16.02 6.92
CG DBU B 67 0.70 14.59 7.40
C DBU B 67 -0.53 18.23 6.93
O DBU B 67 0.54 18.76 6.63
N GLY B 68 -1.68 18.90 6.86
CA GLY B 68 -1.73 20.32 6.53
C GLY B 68 -1.81 20.59 5.04
N HIS B 69 -1.73 19.59 4.20
CA HIS B 69 -1.77 19.77 2.74
C HIS B 69 -3.17 19.41 2.30
N LYS B 70 -3.84 20.33 1.62
N LYS B 70 -3.84 20.35 1.63
CA LYS B 70 -5.19 20.11 1.19
CA LYS B 70 -5.22 20.14 1.26
C LYS B 70 -5.31 19.29 -0.08
C LYS B 70 -5.30 19.29 0.01
N ALA B 71 -6.31 18.42 -0.03
CA ALA B 71 -6.62 17.63 -1.21
C ALA B 71 -8.14 17.61 -1.30
N ILE B 72 -8.64 17.17 -2.44
CA ILE B 72 -10.10 17.05 -2.62
C ILE B 72 -10.31 15.99 -3.66
N GLY B 73 -11.14 14.99 -3.38
CA GLY B 73 -11.37 13.96 -4.33
C GLY B 73 -12.26 12.87 -3.84
N THR B 74 -12.09 11.73 -4.48
CA THR B 74 -12.98 10.61 -4.18
C THR B 74 -12.51 9.87 -2.95
N VAL B 75 -13.44 9.58 -2.06
CA VAL B 75 -13.20 8.84 -0.85
C VAL B 75 -14.18 7.65 -0.86
N LEU B 76 -13.60 6.48 -0.62
CA LEU B 76 -14.39 5.25 -0.54
C LEU B 76 -14.52 4.93 0.95
N VAL B 77 -15.76 4.58 1.36
CA VAL B 77 -16.07 4.28 2.74
C VAL B 77 -16.47 2.82 2.87
N GLY B 78 -15.81 2.12 3.75
CA GLY B 78 -16.15 0.72 3.98
C GLY B 78 -15.32 0.24 5.14
N PRO B 79 -15.53 -0.99 5.51
CA PRO B 79 -14.90 -1.50 6.73
C PRO B 79 -13.40 -1.57 6.47
N THR B 80 -12.54 -1.03 7.35
CA THR B 80 -11.11 -1.25 7.21
C THR B 80 -10.44 -0.97 8.54
N PRO B 81 -9.44 -1.76 8.90
CA PRO B 81 -8.73 -1.59 10.14
C PRO B 81 -7.92 -0.33 10.11
N VAL B 82 -7.60 0.05 8.85
CA VAL B 82 -6.66 1.09 8.66
C VAL B 82 -7.27 1.99 7.58
N ASN B 83 -7.45 3.25 7.93
CA ASN B 83 -7.76 4.25 6.91
C ASN B 83 -6.57 4.37 5.99
N ILE B 84 -6.86 4.52 4.71
N ILE B 84 -6.78 4.37 4.68
CA ILE B 84 -5.84 4.52 3.67
CA ILE B 84 -5.63 4.45 3.79
C ILE B 84 -5.93 5.72 2.73
C ILE B 84 -5.87 5.67 2.88
N ILE B 85 -4.82 6.45 2.66
CA ILE B 85 -4.75 7.54 1.69
C ILE B 85 -4.03 6.98 0.48
N GLY B 86 -4.73 6.88 -0.63
CA GLY B 86 -4.17 6.32 -1.84
C GLY B 86 -3.71 7.37 -2.83
N ARG B 87 -3.28 6.86 -4.00
CA ARG B 87 -2.57 7.72 -4.94
C ARG B 87 -3.45 8.83 -5.49
N ASN B 88 -4.76 8.65 -5.49
CA ASN B 88 -5.64 9.73 -5.99
C ASN B 88 -5.48 11.01 -5.19
N LEU B 89 -5.18 10.87 -3.89
CA LEU B 89 -4.92 12.09 -3.09
C LEU B 89 -3.43 12.31 -2.88
N LEU B 90 -2.59 11.28 -2.83
CA LEU B 90 -1.17 11.50 -2.64
C LEU B 90 -0.58 12.38 -3.76
N THR B 91 -1.08 12.17 -4.98
CA THR B 91 -0.60 13.01 -6.11
C THR B 91 -0.93 14.47 -5.90
N GLN B 92 -2.06 14.76 -5.27
CA GLN B 92 -2.48 16.16 -5.06
C GLN B 92 -1.62 16.87 -4.05
N ILE B 93 -0.94 16.14 -3.17
CA ILE B 93 -0.09 16.78 -2.19
C ILE B 93 1.35 16.68 -2.63
N GLY B 94 1.63 16.22 -3.87
CA GLY B 94 3.00 16.22 -4.39
C GLY B 94 3.88 15.17 -3.74
N CYS B 95 3.28 14.03 -3.31
CA CYS B 95 4.09 13.01 -2.65
C CYS B 95 4.86 12.16 -3.66
N THR B 96 6.11 11.85 -3.28
CA THR B 96 6.93 10.97 -4.09
C THR B 96 7.60 9.95 -3.17
N LEU B 97 7.97 8.85 -3.81
N LEU B 97 7.96 8.83 -3.77
CA LEU B 97 8.90 7.89 -3.25
CA LEU B 97 8.77 7.82 -3.05
C LEU B 97 10.33 8.20 -3.63
C LEU B 97 10.21 7.99 -3.53
N ASN B 98 11.20 8.03 -2.64
CA ASN B 98 12.60 8.36 -2.93
C ASN B 98 13.49 7.34 -2.30
N PHE B 99 14.50 6.93 -3.05
CA PHE B 99 15.57 6.04 -2.54
C PHE B 99 16.71 6.24 -3.53
N LEU C 3 -7.32 -1.63 -6.88
CA LEU C 3 -6.55 -2.48 -5.98
C LEU C 3 -5.90 -1.64 -4.92
N ASN C 4 -6.02 -2.09 -3.65
CA ASN C 4 -5.55 -1.37 -2.51
C ASN C 4 -4.89 -2.32 -1.48
C1 JG3 C 5 -2.14 -1.81 0.48
N JG3 C 5 -3.60 -2.16 -1.36
O1 JG3 C 5 -1.03 -1.24 0.33
C JG3 C 5 -2.55 -4.26 3.38
N2 JG3 C 5 -3.76 -2.15 2.48
O JG3 C 5 -3.21 -5.15 2.84
C3 JG3 C 5 -5.20 -2.14 2.77
C4 JG3 C 5 -3.15 -1.53 1.48
C5 JG3 C 5 -3.59 -5.68 -4.55
C6 JG3 C 5 -3.02 -5.60 -2.21
C7 JG3 C 5 -2.25 -3.87 -3.59
CA JG3 C 5 -2.74 -2.89 -0.39
C8 JG3 C 5 -2.96 -2.81 3.53
C10 JG3 C 5 -1.70 -3.68 -1.12
C11 JG3 C 5 -3.92 -2.72 4.74
C12 JG3 C 5 -3.64 -6.23 -3.27
C13 JG3 C 5 -2.93 -4.47 -4.62
C14 JG3 C 5 -2.35 -4.41 -2.31
C15 JG3 C 5 -5.28 -2.82 4.12
N ILE C 6 -1.35 -4.48 3.94
CA ILE C 6 -0.89 -5.80 4.23
C ILE C 6 -0.47 -5.74 5.70
N VME C 7 -1.22 -6.46 6.53
CA VME C 7 -0.99 -6.49 7.97
C VME C 7 -1.17 -7.91 8.49
O VME C 7 -0.93 -7.91 9.62
O VME C 7 -1.46 -8.82 7.73
CB VME C 7 -1.99 -5.56 8.70
CG1 VME C 7 -1.80 -4.13 8.25
CG2 VME C 7 -3.42 -6.01 8.45
CM VME C 7 0.03 -7.94 11.26
C ACT D . 0.41 -22.71 2.54
O ACT D . -0.22 -21.85 1.98
OXT ACT D . 1.12 -23.57 1.82
CH3 ACT D . 0.38 -22.86 4.03
C ACT E . 2.76 -7.67 -11.10
O ACT E . 2.67 -6.48 -11.23
OXT ACT E . 2.20 -8.24 -10.02
CH3 ACT E . 3.45 -8.58 -12.08
C1 GOL F . 6.17 21.45 0.66
O1 GOL F . 5.77 21.19 2.02
C2 GOL F . 7.63 21.25 0.44
O2 GOL F . 8.26 20.00 0.32
C3 GOL F . 8.57 22.40 0.26
O3 GOL F . 9.45 22.57 1.38
C1 GOL G . 12.84 0.33 -12.65
O1 GOL G . 12.81 -1.06 -13.02
C2 GOL G . 12.11 1.22 -13.72
O2 GOL G . 11.50 0.78 -14.91
C3 GOL G . 12.21 2.73 -13.43
O3 GOL G . 12.58 2.93 -12.04
C1 GOL H . 15.10 18.18 -4.12
O1 GOL H . 15.48 19.34 -4.82
C2 GOL H . 14.15 17.23 -4.72
O2 GOL H . 13.16 16.47 -4.03
C3 GOL H . 14.20 16.89 -6.20
O3 GOL H . 15.06 15.74 -6.30
S SO4 I . 19.39 5.32 -8.50
O1 SO4 I . 20.86 5.58 -8.03
O2 SO4 I . 18.53 6.52 -8.06
O3 SO4 I . 19.17 5.44 -9.97
O4 SO4 I . 19.00 4.04 -8.00
S SO4 J . 3.83 -29.62 -6.99
O1 SO4 J . 5.04 -28.72 -7.39
O2 SO4 J . 4.14 -30.34 -5.64
O3 SO4 J . 2.53 -29.07 -6.66
O4 SO4 J . 3.84 -30.69 -8.00
S SO4 K . 23.76 -14.89 -7.92
O1 SO4 K . 23.47 -13.44 -7.31
O2 SO4 K . 22.85 -15.92 -8.71
O3 SO4 K . 23.29 -15.71 -6.80
O4 SO4 K . 23.67 -14.22 -9.20
C ACT L . -22.68 -11.11 -1.77
O ACT L . -22.20 -10.78 -2.88
OXT ACT L . -23.41 -10.35 -0.98
CH3 ACT L . -22.55 -12.60 -1.52
C ACT M . -8.45 26.61 6.51
O ACT M . -8.89 27.69 6.86
OXT ACT M . -7.27 26.64 5.85
CH3 ACT M . -9.31 25.43 6.86
S SO4 N . -14.53 19.39 5.57
O1 SO4 N . -15.20 19.38 4.15
O2 SO4 N . -15.48 20.11 6.59
O3 SO4 N . -14.51 18.17 6.29
O4 SO4 N . -13.49 20.36 5.43
S SO4 O . 5.76 20.47 5.33
O1 SO4 O . 6.69 19.41 6.00
O2 SO4 O . 5.61 21.58 6.44
O3 SO4 O . 6.24 21.35 4.25
O4 SO4 O . 4.49 19.85 5.20
#